data_2KRY
#
_entry.id   2KRY
#
_entity_poly.entity_id   1
_entity_poly.type   'polyribonucleotide'
_entity_poly.pdbx_seq_one_letter_code
;(PSU)CGGGCC(RSQ)AUACCCCGA
;
_entity_poly.pdbx_strand_id   A
#
loop_
_chem_comp.id
_chem_comp.type
_chem_comp.name
_chem_comp.formula
A RNA linking ADENOSINE-5'-MONOPHOSPHATE 'C10 H14 N5 O7 P'
C RNA linking CYTIDINE-5'-MONOPHOSPHATE 'C9 H14 N3 O8 P'
G RNA linking GUANOSINE-5'-MONOPHOSPHATE 'C10 H14 N5 O8 P'
PSU RNA linking PSEUDOURIDINE-5'-MONOPHOSPHATE 'C9 H13 N2 O9 P'
RSQ RNA linking '5-formylcytidine 5'-(dihydrogen phosphate)' 'C10 H14 N3 O9 P'
U RNA linking URIDINE-5'-MONOPHOSPHATE 'C9 H13 N2 O9 P'
#
# COMPACT_ATOMS: atom_id res chain seq x y z
N1 PSU A 1 2.94 -9.59 -6.73
C2 PSU A 1 3.87 -9.81 -7.73
N3 PSU A 1 5.08 -10.30 -7.31
C4 PSU A 1 5.45 -10.57 -6.01
C5 PSU A 1 4.44 -10.31 -5.03
C6 PSU A 1 3.25 -9.84 -5.41
O2 PSU A 1 3.62 -9.62 -8.91
O4 PSU A 1 6.58 -11.00 -5.79
C1' PSU A 1 4.76 -10.58 -3.63
C2' PSU A 1 5.71 -9.56 -3.00
O2' PSU A 1 6.49 -10.22 -2.02
C3' PSU A 1 4.72 -8.59 -2.35
C4' PSU A 1 3.61 -9.51 -1.88
O3' PSU A 1 5.30 -7.88 -1.26
O4' PSU A 1 3.55 -10.56 -2.89
C5' PSU A 1 2.24 -8.87 -1.77
O5' PSU A 1 1.84 -8.29 -3.02
HN1 PSU A 1 2.04 -9.23 -6.98
HN3 PSU A 1 5.77 -10.46 -8.02
H6 PSU A 1 2.49 -9.65 -4.65
H1' PSU A 1 5.15 -11.60 -3.56
H2' PSU A 1 6.31 -9.05 -3.75
HO2' PSU A 1 6.48 -9.67 -1.23
H3' PSU A 1 4.36 -7.84 -3.05
H4' PSU A 1 3.88 -9.86 -0.90
H5' PSU A 1 1.51 -9.62 -1.46
H5'' PSU A 1 2.28 -8.09 -1.00
P RSQ A 8 -4.46 9.74 0.85
N1 RSQ A 8 -4.57 7.10 5.99
C2 RSQ A 8 -4.26 6.13 6.94
O2 RSQ A 8 -3.68 6.49 7.98
N3 RSQ A 8 -4.57 4.84 6.72
C4 RSQ A 8 -5.21 4.50 5.60
N4 RSQ A 8 -5.50 3.22 5.43
C5 RSQ A 8 -5.56 5.46 4.61
C6 RSQ A 8 -5.22 6.74 4.85
C1' RSQ A 8 -4.22 8.51 6.24
C10 RSQ A 8 -6.26 5.13 3.37
C2' RSQ A 8 -2.77 8.84 5.88
O2' RSQ A 8 -2.29 9.78 6.83
C3' RSQ A 8 -2.95 9.49 4.51
O3' RSQ A 8 -1.90 10.41 4.21
O30 RSQ A 8 -6.63 4.05 3.04
C4' RSQ A 8 -4.30 10.19 4.63
O4' RSQ A 8 -5.08 9.33 5.48
C5' RSQ A 8 -5.05 10.40 3.33
O5' RSQ A 8 -4.71 9.39 2.39
OP1 RSQ A 8 -3.16 10.45 0.77
OP2 RSQ A 8 -5.68 10.40 0.34
H6 RSQ A 8 -5.46 7.50 4.10
H5' RSQ A 8 -6.12 10.37 3.53
H1' RSQ A 8 -4.43 8.71 7.29
H2' RSQ A 8 -2.15 7.95 5.81
HO2' RSQ A 8 -1.79 9.28 7.48
H10 RSQ A 8 -6.46 6.00 2.73
H3' RSQ A 8 -2.94 8.76 3.70
H4' RSQ A 8 -4.10 11.17 5.05
HN4 RSQ A 8 -5.23 2.56 6.14
HN4A RSQ A 8 -5.97 2.93 4.59
H5'A RSQ A 8 -4.80 11.38 2.93
N1 PSU A 1 6.79 -12.68 -7.82
C2 PSU A 1 7.29 -12.27 -9.03
N3 PSU A 1 8.65 -12.34 -9.13
C4 PSU A 1 9.54 -12.77 -8.16
C5 PSU A 1 8.94 -13.18 -6.94
C6 PSU A 1 7.60 -13.12 -6.81
O2 PSU A 1 6.59 -11.89 -9.95
O4 PSU A 1 10.75 -12.77 -8.42
C1' PSU A 1 9.81 -13.64 -5.87
C2' PSU A 1 10.39 -12.51 -5.01
O2' PSU A 1 11.67 -12.92 -4.55
C3' PSU A 1 9.39 -12.45 -3.87
C4' PSU A 1 9.02 -13.91 -3.67
O3' PSU A 1 9.95 -11.89 -2.69
O4' PSU A 1 9.05 -14.48 -5.01
C5' PSU A 1 7.66 -14.15 -3.07
O5' PSU A 1 6.73 -13.16 -3.49
HN1 PSU A 1 5.78 -12.64 -7.68
HN3 PSU A 1 9.05 -12.05 -10.01
H6 PSU A 1 7.15 -13.44 -5.86
H1' PSU A 1 10.58 -14.27 -6.31
H2' PSU A 1 10.43 -11.58 -5.56
HO2' PSU A 1 11.98 -12.25 -3.95
H3' PSU A 1 8.52 -11.85 -4.11
H4' PSU A 1 9.76 -14.34 -3.00
H5' PSU A 1 7.30 -15.14 -3.36
H5'' PSU A 1 7.74 -14.13 -1.98
P RSQ A 8 -4.66 11.33 -0.28
N1 RSQ A 8 -6.63 9.30 4.75
C2 RSQ A 8 -6.74 8.39 5.78
O2 RSQ A 8 -6.35 8.71 6.92
N3 RSQ A 8 -7.26 7.17 5.54
C4 RSQ A 8 -7.66 6.86 4.31
N4 RSQ A 8 -8.17 5.64 4.12
C5 RSQ A 8 -7.58 7.78 3.23
C6 RSQ A 8 -7.05 8.98 3.49
C1' RSQ A 8 -6.07 10.64 5.02
C10 RSQ A 8 -8.03 7.49 1.87
C2' RSQ A 8 -4.54 10.67 5.05
O2' RSQ A 8 -4.13 11.59 6.05
C3' RSQ A 8 -4.21 11.20 3.66
O3' RSQ A 8 -2.96 11.88 3.63
O30 RSQ A 8 -8.52 6.47 1.49
C4' RSQ A 8 -5.37 12.14 3.37
O4' RSQ A 8 -6.51 11.53 4.02
C5' RSQ A 8 -5.69 12.36 1.91
O5' RSQ A 8 -5.36 11.20 1.15
OP1 RSQ A 8 -3.25 11.73 -0.06
OP2 RSQ A 8 -5.53 12.17 -1.14
H6 RSQ A 8 -6.95 9.70 2.68
H5' RSQ A 8 -6.76 12.57 1.81
H1' RSQ A 8 -6.50 10.99 5.97
H2' RSQ A 8 -4.12 9.68 5.19
HO2' RSQ A 8 -3.57 12.23 5.63
H10 RSQ A 8 -7.88 8.32 1.17
H3' RSQ A 8 -4.15 10.41 2.92
H4' RSQ A 8 -5.09 13.11 3.80
HN4 RSQ A 8 -8.21 5.01 4.89
HN4A RSQ A 8 -8.49 5.38 3.19
H5'A RSQ A 8 -5.14 13.22 1.55
N1 PSU A 1 6.35 -10.69 -8.02
C2 PSU A 1 6.76 -10.67 -9.32
N3 PSU A 1 8.05 -11.08 -9.53
C4 PSU A 1 8.94 -11.49 -8.58
C5 PSU A 1 8.44 -11.48 -7.23
C6 PSU A 1 7.18 -11.09 -7.00
O2 PSU A 1 6.04 -10.33 -10.24
O4 PSU A 1 10.08 -11.83 -8.92
C1' PSU A 1 9.33 -11.91 -6.16
C2' PSU A 1 9.81 -10.78 -5.26
O2' PSU A 1 11.13 -11.07 -4.84
C3' PSU A 1 8.83 -10.87 -4.08
C4' PSU A 1 8.56 -12.37 -3.98
O3' PSU A 1 9.38 -10.36 -2.87
O4' PSU A 1 8.63 -12.84 -5.35
C5' PSU A 1 7.22 -12.73 -3.40
O5' PSU A 1 6.18 -11.94 -3.96
HN1 PSU A 1 5.40 -10.39 -7.81
HN3 PSU A 1 8.39 -11.06 -10.48
H6 PSU A 1 6.81 -11.09 -5.98
H1' PSU A 1 10.16 -12.46 -6.60
H2' PSU A 1 9.73 -9.81 -5.75
HO2' PSU A 1 11.13 -11.06 -3.88
H3' PSU A 1 7.91 -10.30 -4.26
H4' PSU A 1 9.34 -12.78 -3.34
H5' PSU A 1 7.02 -13.79 -3.59
H5'' PSU A 1 7.25 -12.59 -2.31
P RSQ A 8 -5.48 10.11 -0.25
N1 RSQ A 8 -6.65 8.54 4.94
C2 RSQ A 8 -6.77 7.77 6.10
O2 RSQ A 8 -6.40 8.25 7.18
N3 RSQ A 8 -7.29 6.53 6.02
C4 RSQ A 8 -7.68 6.05 4.83
N4 RSQ A 8 -8.19 4.82 4.81
C5 RSQ A 8 -7.56 6.79 3.63
C6 RSQ A 8 -7.04 8.03 3.73
C1' RSQ A 8 -6.10 9.90 5.05
C10 RSQ A 8 -7.96 6.32 2.32
C2' RSQ A 8 -4.58 9.97 4.91
O2' RSQ A 8 -4.09 10.88 5.90
C3' RSQ A 8 -4.40 10.53 3.51
O3' RSQ A 8 -3.22 11.31 3.38
O30 RSQ A 8 -8.44 5.25 2.08
C4' RSQ A 8 -5.65 11.39 3.30
O4' RSQ A 8 -6.69 10.69 4.03
C5' RSQ A 8 -6.08 11.56 1.87
O5' RSQ A 8 -6.09 10.29 1.20
OP1 RSQ A 8 -4.62 11.28 -0.56
OP2 RSQ A 8 -6.58 9.75 -1.18
H6 RSQ A 8 -6.92 8.63 2.83
H5' RSQ A 8 -7.08 11.99 1.84
H1' RSQ A 8 -6.45 10.32 6.00
H2' RSQ A 8 -4.12 8.98 5.00
HO2' RSQ A 8 -3.85 10.36 6.67
H10 RSQ A 8 -7.81 7.04 1.51
H3' RSQ A 8 -4.32 9.75 2.75
H4' RSQ A 8 -5.42 12.38 3.70
HN4 RSQ A 8 -8.26 4.31 5.68
HN4A RSQ A 8 -8.50 4.43 3.93
H5'A RSQ A 8 -5.39 12.24 1.37
N1 PSU A 1 4.08 -10.08 -5.45
C2 PSU A 1 4.59 -10.49 -6.65
N3 PSU A 1 5.80 -11.14 -6.58
C4 PSU A 1 6.52 -11.42 -5.45
C5 PSU A 1 5.92 -10.97 -4.22
C6 PSU A 1 4.75 -10.31 -4.26
O2 PSU A 1 4.03 -10.28 -7.71
O4 PSU A 1 7.59 -12.03 -5.54
C1' PSU A 1 6.63 -11.22 -2.97
C2' PSU A 1 7.92 -10.41 -2.81
O2' PSU A 1 8.85 -11.20 -2.08
C3' PSU A 1 7.44 -9.22 -2.00
C4' PSU A 1 6.39 -9.84 -1.09
O3' PSU A 1 8.49 -8.62 -1.25
O4' PSU A 1 5.77 -10.88 -1.89
C5' PSU A 1 5.30 -8.91 -0.60
O5' PSU A 1 4.40 -8.57 -1.65
HN1 PSU A 1 3.20 -9.59 -5.43
HN3 PSU A 1 6.20 -11.45 -7.45
H6 PSU A 1 4.31 -9.98 -3.33
H1' PSU A 1 6.81 -12.30 -2.90
H2' PSU A 1 8.32 -10.09 -3.77
HO2' PSU A 1 9.19 -10.64 -1.38
H3' PSU A 1 7.02 -8.44 -2.63
H4' PSU A 1 6.91 -10.23 -0.21
H5' PSU A 1 4.76 -9.39 0.22
H5'' PSU A 1 5.78 -8.00 -0.21
P RSQ A 8 -4.13 10.25 0.94
N1 RSQ A 8 -5.03 7.75 6.11
C2 RSQ A 8 -5.08 6.87 7.18
O2 RSQ A 8 -4.54 7.18 8.24
N3 RSQ A 8 -5.74 5.69 7.05
C4 RSQ A 8 -6.32 5.39 5.90
N4 RSQ A 8 -6.95 4.22 5.81
C5 RSQ A 8 -6.29 6.26 4.77
C6 RSQ A 8 -5.63 7.42 4.92
C1' RSQ A 8 -4.33 9.03 6.27
C10 RSQ A 8 -6.90 5.98 3.49
C2' RSQ A 8 -2.86 8.99 5.88
O2' RSQ A 8 -2.12 9.73 6.83
C3' RSQ A 8 -2.87 9.70 4.52
O3' RSQ A 8 -1.63 10.36 4.25
O30 RSQ A 8 -7.52 4.99 3.21
C4' RSQ A 8 -4.01 10.69 4.65
O4' RSQ A 8 -4.98 9.99 5.47
C5' RSQ A 8 -4.68 11.11 3.36
O5' RSQ A 8 -4.66 10.03 2.43
OP1 RSQ A 8 -2.72 10.70 1.02
OP2 RSQ A 8 -5.12 11.08 0.21
H6 RSQ A 8 -5.57 8.11 4.07
H5' RSQ A 8 -5.70 11.40 3.57
H1' RSQ A 8 -4.47 9.35 7.31
H2' RSQ A 8 -2.50 7.97 5.78
HO2' RSQ A 8 -1.63 10.40 6.35
H10 RSQ A 8 -6.78 6.76 2.73
H3' RSQ A 8 -3.02 9.00 3.69
H4' RSQ A 8 -3.60 11.58 5.12
HN4 RSQ A 8 -6.97 3.62 6.62
HN4A RSQ A 8 -7.41 3.96 4.95
H5'A RSQ A 8 -4.13 11.97 2.95
N1 PSU A 1 5.90 -11.36 -8.36
C2 PSU A 1 6.60 -11.07 -9.51
N3 PSU A 1 7.94 -11.36 -9.46
C4 PSU A 1 8.63 -11.90 -8.39
C5 PSU A 1 7.83 -12.17 -7.23
C6 PSU A 1 6.52 -11.90 -7.27
O2 PSU A 1 6.08 -10.60 -10.51
O4 PSU A 1 9.83 -12.10 -8.50
C1' PSU A 1 8.49 -12.75 -6.06
C2' PSU A 1 9.41 -11.77 -5.34
O2' PSU A 1 10.46 -12.51 -4.74
C3' PSU A 1 8.47 -11.19 -4.29
C4' PSU A 1 7.61 -12.38 -3.92
O3' PSU A 1 9.18 -10.68 -3.15
O4' PSU A 1 7.49 -13.15 -5.15
C5' PSU A 1 6.23 -12.04 -3.42
O5' PSU A 1 5.53 -11.21 -4.34
HN1 PSU A 1 4.90 -11.16 -8.35
HN3 PSU A 1 8.48 -11.17 -10.28
H6 PSU A 1 5.92 -12.12 -6.38
H1' PSU A 1 9.01 -13.65 -6.38
H2' PSU A 1 9.79 -10.99 -6.00
HO2' PSU A 1 10.52 -12.22 -3.82
H3' PSU A 1 7.88 -10.36 -4.67
H4' PSU A 1 8.12 -12.92 -3.12
H5' PSU A 1 5.66 -12.97 -3.26
H5'' PSU A 1 6.31 -11.52 -2.46
P RSQ A 8 -6.12 9.51 -0.33
N1 RSQ A 8 -6.88 10.11 4.15
C2 RSQ A 8 -7.06 9.72 5.48
O2 RSQ A 8 -6.60 10.43 6.38
N3 RSQ A 8 -7.73 8.58 5.74
C4 RSQ A 8 -8.21 7.84 4.74
N4 RSQ A 8 -8.87 6.73 5.05
C5 RSQ A 8 -8.05 8.23 3.37
C6 RSQ A 8 -7.39 9.35 3.13
C1' RSQ A 8 -6.14 11.35 3.86
C10 RSQ A 8 -8.57 7.46 2.24
C2' RSQ A 8 -4.61 11.18 3.89
O2' RSQ A 8 -4.07 12.24 4.66
C3' RSQ A 8 -4.23 11.32 2.42
O3' RSQ A 8 -2.95 11.93 2.27
O30 RSQ A 8 -9.19 6.44 2.31
C4' RSQ A 8 -5.34 12.19 1.83
O4' RSQ A 8 -6.52 11.80 2.58
C5' RSQ A 8 -5.62 12.00 0.35
O5' RSQ A 8 -5.13 10.74 -0.10
OP1 RSQ A 8 -7.51 10.02 -0.47
OP2 RSQ A 8 -5.83 8.47 0.68
H6 RSQ A 8 -7.24 9.68 2.11
H5' RSQ A 8 -6.69 12.08 0.18
H1' RSQ A 8 -6.48 12.11 4.57
H2' RSQ A 8 -4.33 10.20 4.26
HO2' RSQ A 8 -3.42 12.68 4.10
H10 RSQ A 8 -8.35 7.90 1.26
H3' RSQ A 8 -4.16 10.36 1.91
H4' RSQ A 8 -5.04 13.22 1.99
HN4 RSQ A 8 -8.97 6.49 6.03
HN4A RSQ A 8 -9.24 6.16 4.32
H5'A RSQ A 8 -5.12 12.80 -0.20
N1 PSU A 1 4.85 -9.86 -7.38
C2 PSU A 1 4.97 -10.13 -8.73
N3 PSU A 1 6.02 -10.95 -9.06
C4 PSU A 1 6.93 -11.52 -8.20
C5 PSU A 1 6.73 -11.19 -6.81
C6 PSU A 1 5.72 -10.39 -6.45
O2 PSU A 1 4.22 -9.68 -9.57
O4 PSU A 1 7.82 -12.25 -8.65
C1' PSU A 1 7.66 -11.75 -5.83
C2' PSU A 1 8.63 -10.73 -5.24
O2' PSU A 1 9.86 -11.38 -4.99
C3' PSU A 1 7.93 -10.34 -3.94
C4' PSU A 1 7.28 -11.64 -3.52
O3' PSU A 1 8.83 -9.87 -2.95
O4' PSU A 1 6.90 -12.29 -4.76
C5' PSU A 1 6.05 -11.50 -2.65
O5' PSU A 1 5.18 -10.48 -3.16
HN1 PSU A 1 4.10 -9.25 -7.08
HN3 PSU A 1 6.14 -11.16 -10.04
H6 PSU A 1 5.57 -10.16 -5.41
H1' PSU A 1 8.18 -12.58 -6.30
H2' PSU A 1 8.74 -9.86 -5.89
HO2' PSU A 1 10.12 -11.15 -4.09
H3' PSU A 1 7.20 -9.55 -4.08
H4' PSU A 1 8.02 -12.20 -2.95
H5' PSU A 1 5.52 -12.46 -2.61
H5'' PSU A 1 6.36 -11.23 -1.64
P RSQ A 8 -6.04 10.66 -0.51
N1 RSQ A 8 -6.99 9.09 4.78
C2 RSQ A 8 -7.12 8.33 5.95
O2 RSQ A 8 -6.78 8.83 7.03
N3 RSQ A 8 -7.62 7.08 5.86
C4 RSQ A 8 -7.99 6.59 4.68
N4 RSQ A 8 -8.48 5.36 4.66
C5 RSQ A 8 -7.88 7.34 3.47
C6 RSQ A 8 -7.37 8.58 3.57
C1' RSQ A 8 -6.45 10.46 4.88
C10 RSQ A 8 -8.29 6.86 2.17
C2' RSQ A 8 -4.92 10.51 4.99
O2' RSQ A 8 -4.58 11.43 6.00
C3' RSQ A 8 -4.52 11.02 3.60
O3' RSQ A 8 -3.32 11.79 3.64
O30 RSQ A 8 -8.76 5.78 1.94
C4' RSQ A 8 -5.71 11.89 3.19
O4' RSQ A 8 -6.84 11.18 3.74
C5' RSQ A 8 -5.90 12.06 1.70
O5' RSQ A 8 -5.62 10.84 1.02
OP1 RSQ A 8 -5.20 11.57 -1.33
OP2 RSQ A 8 -7.52 10.74 -0.59
H6 RSQ A 8 -7.25 9.18 2.68
H5' RSQ A 8 -6.93 12.38 1.51
H1' RSQ A 8 -6.92 10.94 5.73
H2' RSQ A 8 -4.49 9.52 5.15
HO2' RSQ A 8 -4.68 10.99 6.84
H10 RSQ A 8 -8.13 7.57 1.35
H3' RSQ A 8 -4.35 10.22 2.89
H4' RSQ A 8 -5.55 12.87 3.63
HN4 RSQ A 8 -8.55 4.84 5.52
HN4A RSQ A 8 -8.77 4.96 3.78
H5'A RSQ A 8 -5.23 12.85 1.35
N1 PSU A 1 5.05 -10.75 -7.75
C2 PSU A 1 5.72 -10.29 -8.86
N3 PSU A 1 7.08 -10.28 -8.77
C4 PSU A 1 7.83 -10.68 -7.69
C5 PSU A 1 7.08 -11.16 -6.57
C6 PSU A 1 5.73 -11.19 -6.64
O2 PSU A 1 5.14 -9.93 -9.87
O4 PSU A 1 9.06 -10.61 -7.76
C1' PSU A 1 7.81 -11.62 -5.39
C2' PSU A 1 8.37 -10.48 -4.53
O2' PSU A 1 9.55 -10.93 -3.91
C3' PSU A 1 7.25 -10.29 -3.52
C4' PSU A 1 6.77 -11.71 -3.28
O3' PSU A 1 7.71 -9.70 -2.30
O4' PSU A 1 6.92 -12.37 -4.58
C5' PSU A 1 5.33 -11.84 -2.84
O5' PSU A 1 4.46 -11.07 -3.68
HN1 PSU A 1 4.05 -10.78 -7.76
HN3 PSU A 1 7.59 -9.94 -9.57
H6 PSU A 1 5.17 -11.55 -5.78
H1' PSU A 1 8.58 -12.30 -5.72
H2' PSU A 1 8.52 -9.58 -5.12
HO2' PSU A 1 9.48 -10.72 -2.98
H3' PSU A 1 6.46 -9.65 -3.88
H4' PSU A 1 7.39 -12.14 -2.51
H5' PSU A 1 5.03 -12.89 -2.88
H5'' PSU A 1 5.25 -11.49 -1.81
P RSQ A 8 -4.61 10.51 0.42
N1 RSQ A 8 -5.35 8.20 5.84
C2 RSQ A 8 -5.45 7.42 6.99
O2 RSQ A 8 -5.02 7.86 8.06
N3 RSQ A 8 -5.98 6.19 6.90
C4 RSQ A 8 -6.43 5.73 5.72
N4 RSQ A 8 -6.95 4.52 5.69
C5 RSQ A 8 -6.36 6.53 4.53
C6 RSQ A 8 -5.81 7.74 4.64
C1' RSQ A 8 -4.76 9.56 5.95
C10 RSQ A 8 -6.85 6.09 3.23
C2' RSQ A 8 -3.27 9.61 5.65
O2' RSQ A 8 -2.66 10.46 6.61
C3' RSQ A 8 -3.23 10.23 4.25
O3' RSQ A 8 -2.05 11.00 4.04
O30 RSQ A 8 -7.37 5.04 3.00
C4' RSQ A 8 -4.47 11.11 4.24
O4' RSQ A 8 -5.44 10.39 5.04
C5' RSQ A 8 -5.06 11.36 2.87
O5' RSQ A 8 -4.77 10.27 1.99
OP1 RSQ A 8 -3.35 11.26 0.22
OP2 RSQ A 8 -5.88 11.06 -0.09
H6 RSQ A 8 -5.72 8.37 3.76
H5' RSQ A 8 -6.15 11.48 2.96
H1' RSQ A 8 -4.99 9.92 6.95
H2' RSQ A 8 -2.82 8.61 5.64
HO2' RSQ A 8 -2.21 11.15 6.11
H10 RSQ A 8 -6.72 6.83 2.44
H3' RSQ A 8 -3.26 9.48 3.46
H4' RSQ A 8 -4.17 12.07 4.65
HN4 RSQ A 8 -6.99 3.98 6.54
HN4A RSQ A 8 -7.30 4.15 4.81
H5'A RSQ A 8 -4.65 12.28 2.46
N1 PSU A 1 4.75 -9.17 -7.07
C2 PSU A 1 5.20 -9.59 -8.30
N3 PSU A 1 6.37 -10.29 -8.29
C4 PSU A 1 7.13 -10.60 -7.19
C5 PSU A 1 6.61 -10.14 -5.95
C6 PSU A 1 5.47 -9.45 -5.92
O2 PSU A 1 4.58 -9.38 -9.33
O4 PSU A 1 8.18 -11.24 -7.34
C1' PSU A 1 7.37 -10.43 -4.73
C2' PSU A 1 8.12 -9.24 -4.15
O2' PSU A 1 9.34 -9.70 -3.59
C3' PSU A 1 7.16 -8.76 -3.05
C4' PSU A 1 6.53 -10.06 -2.57
O3' PSU A 1 7.83 -8.09 -1.98
O4' PSU A 1 6.45 -10.90 -3.74
C5' PSU A 1 5.14 -9.92 -1.98
O5' PSU A 1 4.31 -9.11 -2.82
HN1 PSU A 1 3.89 -8.65 -7.01
HN3 PSU A 1 6.71 -10.59 -9.19
H6 PSU A 1 5.08 -9.11 -4.97
H1' PSU A 1 8.04 -11.27 -4.94
H2' PSU A 1 8.27 -8.45 -4.89
HO2' PSU A 1 9.40 -9.33 -2.71
H3' PSU A 1 6.42 -8.06 -3.42
H4' PSU A 1 7.18 -10.45 -1.79
H5' PSU A 1 4.69 -10.91 -1.88
H5'' PSU A 1 5.22 -9.46 -0.99
P RSQ A 8 -4.95 10.02 1.29
N1 RSQ A 8 -6.84 7.26 5.85
C2 RSQ A 8 -6.90 6.17 6.72
O2 RSQ A 8 -6.60 6.33 7.91
N3 RSQ A 8 -7.28 4.98 6.24
C4 RSQ A 8 -7.60 4.85 4.95
N4 RSQ A 8 -7.96 3.63 4.53
C5 RSQ A 8 -7.56 5.94 4.05
C6 RSQ A 8 -7.17 7.12 4.53
C1' RSQ A 8 -6.43 8.58 6.39
C10 RSQ A 8 -7.92 5.85 2.64
C2' RSQ A 8 -4.92 8.73 6.55
O2' RSQ A 8 -4.68 9.50 7.72
C3' RSQ A 8 -4.55 9.51 5.29
O3' RSQ A 8 -3.38 10.31 5.47
O30 RSQ A 8 -8.30 4.87 2.07
C4' RSQ A 8 -5.78 10.37 5.03
O4' RSQ A 8 -6.89 9.57 5.50
C5' RSQ A 8 -6.02 10.74 3.58
O5' RSQ A 8 -5.58 9.69 2.72
OP1 RSQ A 8 -3.77 10.89 1.49
OP2 RSQ A 8 -6.06 10.48 0.41
H6 RSQ A 8 -7.10 7.98 3.86
H5' RSQ A 8 -7.07 10.93 3.44
H1' RSQ A 8 -6.96 8.73 7.33
H2' RSQ A 8 -4.42 7.77 6.58
HO2' RSQ A 8 -4.09 10.21 7.45
H10 RSQ A 8 -7.84 6.80 2.10
H3' RSQ A 8 -4.33 8.85 4.44
H4' RSQ A 8 -5.63 11.30 5.59
HN4 RSQ A 8 -7.98 2.87 5.19
HN4A RSQ A 8 -8.21 3.51 3.56
H5'A RSQ A 8 -5.47 11.66 3.36
N1 PSU A 1 5.00 -11.39 -5.18
C2 PSU A 1 5.81 -11.60 -6.28
N3 PSU A 1 7.14 -11.48 -6.06
C4 PSU A 1 7.76 -11.17 -4.88
C5 PSU A 1 6.88 -10.95 -3.78
C6 PSU A 1 5.55 -11.07 -3.96
O2 PSU A 1 5.34 -11.88 -7.38
O4 PSU A 1 8.99 -11.09 -4.84
C1' PSU A 1 7.46 -10.61 -2.47
C2' PSU A 1 7.77 -9.13 -2.30
O2' PSU A 1 8.93 -9.01 -1.50
C3' PSU A 1 6.53 -8.65 -1.55
C4' PSU A 1 6.21 -9.83 -0.66
O3' PSU A 1 6.77 -7.47 -0.78
O4' PSU A 1 6.55 -10.99 -1.46
C5' PSU A 1 4.76 -9.95 -0.21
O5' PSU A 1 3.89 -10.02 -1.33
HN1 PSU A 1 4.00 -11.45 -5.28
HN3 PSU A 1 7.75 -11.63 -6.86
H6 PSU A 1 4.89 -10.90 -3.10
H1' PSU A 1 8.35 -11.23 -2.34
H2' PSU A 1 7.86 -8.62 -3.26
HO2' PSU A 1 9.65 -8.76 -2.09
H3' PSU A 1 5.70 -8.41 -2.22
H4' PSU A 1 6.82 -9.73 0.24
H5' PSU A 1 4.65 -10.84 0.41
H5'' PSU A 1 4.51 -9.07 0.40
P RSQ A 8 -3.88 9.97 1.30
N1 RSQ A 8 -4.57 7.32 6.48
C2 RSQ A 8 -4.66 6.42 7.54
O2 RSQ A 8 -4.14 6.72 8.63
N3 RSQ A 8 -5.29 5.25 7.35
C4 RSQ A 8 -5.84 4.96 6.18
N4 RSQ A 8 -6.44 3.79 6.05
C5 RSQ A 8 -5.78 5.87 5.08
C6 RSQ A 8 -5.13 7.03 5.28
C1' RSQ A 8 -3.88 8.61 6.70
C10 RSQ A 8 -6.36 5.61 3.77
C2' RSQ A 8 -2.41 8.61 6.28
O2' RSQ A 8 -1.68 9.36 7.23
C3' RSQ A 8 -2.46 9.33 4.93
O3' RSQ A 8 -1.26 10.05 4.67
O30 RSQ A 8 -6.97 4.62 3.45
C4' RSQ A 8 -3.63 10.28 5.08
O4' RSQ A 8 -4.57 9.60 5.96
C5' RSQ A 8 -4.36 10.64 3.80
O5' RSQ A 8 -4.17 9.61 2.83
OP1 RSQ A 8 -2.54 10.60 1.25
OP2 RSQ A 8 -5.06 10.69 0.77
H6 RSQ A 8 -5.05 7.74 4.46
H5' RSQ A 8 -5.42 10.76 4.01
H1' RSQ A 8 -4.00 8.87 7.76
H2' RSQ A 8 -2.03 7.60 6.16
HO2' RSQ A 8 -1.25 10.08 6.75
H10 RSQ A 8 -6.23 6.42 3.04
H3' RSQ A 8 -2.59 8.65 4.09
H4' RSQ A 8 -3.24 11.21 5.50
HN4 RSQ A 8 -6.49 3.17 6.83
HN4A RSQ A 8 -6.87 3.55 5.16
H5'A RSQ A 8 -3.96 11.58 3.42
N1 PSU A 1 5.36 -9.79 -7.80
C2 PSU A 1 5.69 -9.92 -9.13
N3 PSU A 1 6.88 -10.55 -9.37
C4 PSU A 1 7.76 -11.06 -8.44
C5 PSU A 1 7.34 -10.89 -7.07
C6 PSU A 1 6.18 -10.27 -6.80
O2 PSU A 1 4.99 -9.51 -10.02
O4 PSU A 1 8.78 -11.61 -8.81
C1' PSU A 1 8.22 -11.40 -6.02
C2' PSU A 1 8.93 -10.31 -5.22
O2' PSU A 1 10.23 -10.78 -4.90
C3' PSU A 1 8.06 -10.20 -3.98
C4' PSU A 1 7.55 -11.62 -3.78
O3' PSU A 1 8.77 -9.75 -2.83
O4' PSU A 1 7.43 -12.15 -5.12
C5' PSU A 1 6.22 -11.74 -3.07
O5' PSU A 1 5.24 -10.89 -3.67
HN1 PSU A 1 4.49 -9.33 -7.56
HN3 PSU A 1 7.15 -10.65 -10.33
H6 PSU A 1 5.88 -10.15 -5.76
H1' PSU A 1 8.92 -12.10 -6.47
H2' PSU A 1 8.95 -9.36 -5.76
HO2' PSU A 1 10.77 -10.01 -4.73
H3' PSU A 1 7.23 -9.50 -4.12
H4' PSU A 1 8.30 -12.14 -3.18
H5' PSU A 1 5.89 -12.78 -3.12
H5'' PSU A 1 6.36 -11.47 -2.03
P RSQ A 8 -4.90 10.91 0.14
N1 RSQ A 8 -7.48 9.05 5.26
C2 RSQ A 8 -8.18 8.53 6.35
O2 RSQ A 8 -8.14 9.13 7.43
N3 RSQ A 8 -8.87 7.39 6.20
C4 RSQ A 8 -8.90 6.77 5.02
N4 RSQ A 8 -9.60 5.64 4.94
C5 RSQ A 8 -8.20 7.27 3.89
C6 RSQ A 8 -7.51 8.40 4.05
C1' RSQ A 8 -6.74 10.31 5.42
C10 RSQ A 8 -8.21 6.64 2.58
C2' RSQ A 8 -5.22 10.13 5.48
O2' RSQ A 8 -4.72 10.93 6.54
C3' RSQ A 8 -4.76 10.68 4.13
O3' RSQ A 8 -3.49 11.31 4.21
O30 RSQ A 8 -8.78 5.63 2.29
C4' RSQ A 8 -5.84 11.69 3.76
O4' RSQ A 8 -7.05 11.15 4.33
C5' RSQ A 8 -6.06 11.91 2.28
O5' RSQ A 8 -5.63 10.76 1.55
OP1 RSQ A 8 -3.51 11.36 0.40
OP2 RSQ A 8 -5.78 11.71 -0.75
H6 RSQ A 8 -6.97 8.82 3.21
H5' RSQ A 8 -7.11 12.11 2.09
H1' RSQ A 8 -7.12 10.80 6.31
H2' RSQ A 8 -4.94 9.08 5.58
HO2' RSQ A 8 -4.12 11.56 6.15
H10 RSQ A 8 -7.62 7.17 1.82
H3' RSQ A 8 -4.66 9.91 3.37
H4' RSQ A 8 -5.54 12.65 4.20
HN4 RSQ A 8 -10.09 5.30 5.75
HN4A RSQ A 8 -9.64 5.16 4.05
H5'A RSQ A 8 -5.48 12.78 1.97
#